data_5E6P
#
_entry.id   5E6P
#
_cell.length_a   126.152
_cell.length_b   126.152
_cell.length_c   211.465
_cell.angle_alpha   90.00
_cell.angle_beta   90.00
_cell.angle_gamma   120.00
#
_symmetry.space_group_name_H-M   'P 62 2 2'
#
loop_
_entity.id
_entity.type
_entity.pdbx_description
1 polymer Plexin-B2
2 polymer 'Rho guanine nucleotide exchange factor 11'
#
loop_
_entity_poly.entity_id
_entity_poly.type
_entity_poly.pdbx_seq_one_letter_code
_entity_poly.pdbx_strand_id
1 'polypeptide(L)'
;GPHMRKSQQAEREYEKIKSQLEGLEESVRDRCKKEFTDLMIEMEDQTNDVHEAGIPTLDYKTYTDRVFFLPSKDGDKDVM
ITGKLDIPESRRPIVEQALYQFSNLLNSKSFLINFIHTLENQREFSARAKVYFASLLTVALHGKLEYYTDIMRTLFLELM
EQYVVAKNPKLMLRRSETVVERMLSNWMSICLYQYLKDSAGEPLYKLFKAIKHQVEKGPVDAVQKKAKYTLNDTGLLGDD
VEYAPLTVSVIVQDEGIDAIPVKVLNCDTISQVKEKIIDQVYRTQPCSCWPKPDSVVLEWRPGSTAQILSDLDLTSQREG
RWKRINTLMHYNVRDGATLILSKVGVSQQPEDSQQDLPGERHALLEEENRVWHLVRPTDEVDEGKSKRGSMKEKERTKAI
TEIYLTRLLSVKGTLQQFVDNFFQSVLAPGHAVPPAVKYFFDFLDEQAEKHDIRDEDTIHIWKTNSLPLRFWVNILKNPH
FIFDVHVHEVVDASLSVIAQTFMDACTRTEHKLSRDSPSNKLLYAKEISTYKKMVEDYYKGIRQMVQVSDQDMNTHLAEI
SRAHTDSLNTLVALHQLYQYTQKYYDEIINALEEDPAAQKMQLAFRLQQIAAALENKVTDL
;
A
2 'polypeptide(L)'
;GPHMGLVQRCVIIQKDQHGFGFTVSGDRIVLVQSVRPGGAAMKAGVKEGDRIIKVNGTMVTNSSHLEVVKLIKSGAYVAL
TLLGSSPS
;
B
#
# COMPACT_ATOMS: atom_id res chain seq x y z
N GLY A 54 -17.83 2.68 -18.88
CA GLY A 54 -18.89 2.32 -17.96
C GLY A 54 -18.42 2.00 -16.54
N ILE A 55 -17.44 1.11 -16.43
CA ILE A 55 -16.91 0.73 -15.12
C ILE A 55 -15.83 1.70 -14.66
N PRO A 56 -16.04 2.33 -13.49
CA PRO A 56 -15.18 3.39 -12.95
C PRO A 56 -13.82 2.87 -12.50
N THR A 57 -12.94 2.63 -13.45
CA THR A 57 -11.61 2.10 -13.14
C THR A 57 -10.64 3.23 -12.91
N LEU A 58 -9.93 3.16 -11.78
CA LEU A 58 -8.96 4.19 -11.43
C LEU A 58 -7.80 4.26 -12.43
N ASP A 59 -7.24 5.47 -12.57
CA ASP A 59 -6.04 5.69 -13.37
C ASP A 59 -4.92 4.78 -12.89
N TYR A 60 -3.88 4.62 -13.72
CA TYR A 60 -2.77 3.76 -13.34
C TYR A 60 -2.08 4.26 -12.07
N LYS A 61 -1.73 5.53 -12.02
CA LYS A 61 -0.98 6.06 -10.88
C LYS A 61 -1.80 5.97 -9.60
N THR A 62 -3.07 6.34 -9.67
CA THR A 62 -3.95 6.27 -8.52
C THR A 62 -4.05 4.82 -8.02
N TYR A 63 -4.33 3.91 -8.94
CA TYR A 63 -4.40 2.48 -8.64
C TYR A 63 -3.15 1.97 -7.94
N THR A 64 -1.98 2.26 -8.52
CA THR A 64 -0.72 1.79 -7.96
C THR A 64 -0.45 2.37 -6.59
N ASP A 65 -0.68 3.66 -6.44
CA ASP A 65 -0.47 4.34 -5.16
C ASP A 65 -1.36 3.75 -4.06
N ARG A 66 -2.63 3.50 -4.40
CA ARG A 66 -3.56 2.92 -3.45
C ARG A 66 -3.17 1.50 -3.08
N VAL A 67 -2.76 0.72 -4.08
CA VAL A 67 -2.35 -0.67 -3.83
C VAL A 67 -1.07 -0.77 -2.99
N PHE A 68 -0.12 0.12 -3.26
CA PHE A 68 1.21 0.04 -2.66
C PHE A 68 1.26 0.69 -1.28
N PHE A 69 0.84 1.95 -1.21
CA PHE A 69 1.16 2.79 -0.06
C PHE A 69 0.01 3.05 0.93
N LEU A 70 -1.21 2.71 0.56
CA LEU A 70 -2.35 2.96 1.44
C LEU A 70 -2.29 2.21 2.79
N PRO A 71 -1.85 0.94 2.77
CA PRO A 71 -1.65 0.31 4.09
C PRO A 71 -0.18 0.35 4.53
N SER A 72 0.41 1.52 4.52
CA SER A 72 1.81 1.65 4.90
C SER A 72 1.96 2.28 6.28
N LYS A 73 3.19 2.66 6.60
CA LYS A 73 3.55 3.03 7.95
C LYS A 73 2.87 4.30 8.48
N ASP A 74 3.19 5.45 7.90
CA ASP A 74 2.70 6.72 8.42
C ASP A 74 1.29 7.10 7.96
N GLY A 75 0.46 6.10 7.65
CA GLY A 75 -0.95 6.32 7.40
C GLY A 75 -1.39 6.38 5.94
N ASP A 76 -2.56 6.96 5.72
CA ASP A 76 -3.13 7.04 4.38
C ASP A 76 -2.70 8.27 3.59
N LYS A 77 -2.08 9.23 4.26
CA LYS A 77 -1.62 10.43 3.56
C LYS A 77 -0.19 10.71 3.98
N ASP A 78 0.69 9.75 3.70
CA ASP A 78 1.96 9.73 4.39
C ASP A 78 3.06 10.60 3.77
N VAL A 79 3.74 10.09 2.76
CA VAL A 79 4.73 10.92 2.09
C VAL A 79 4.44 10.81 0.63
N MET A 80 4.16 9.60 0.18
CA MET A 80 4.21 9.37 -1.24
C MET A 80 2.94 9.66 -2.01
N ILE A 81 1.80 9.34 -1.42
CA ILE A 81 0.53 9.72 -2.00
C ILE A 81 0.45 11.25 -1.98
N THR A 82 1.04 11.83 -0.95
CA THR A 82 1.08 13.28 -0.80
C THR A 82 2.16 13.90 -1.68
N GLY A 83 3.32 13.25 -1.77
CA GLY A 83 4.45 13.85 -2.44
C GLY A 83 4.98 14.93 -1.52
N LYS A 84 4.94 14.66 -0.22
CA LYS A 84 5.30 15.64 0.78
C LYS A 84 6.81 15.87 1.00
N LEU A 85 7.60 15.81 -0.07
CA LEU A 85 9.03 16.13 0.03
C LEU A 85 9.25 17.60 0.36
N ASP A 86 9.83 17.87 1.53
CA ASP A 86 10.11 19.23 1.92
C ASP A 86 11.61 19.49 2.06
N ILE A 87 12.18 20.14 1.04
CA ILE A 87 13.57 20.58 1.11
C ILE A 87 13.65 22.02 0.63
N PRO A 88 14.65 22.77 1.13
CA PRO A 88 14.87 24.14 0.66
C PRO A 88 15.22 24.18 -0.82
N GLU A 89 14.72 25.19 -1.52
CA GLU A 89 14.96 25.34 -2.95
C GLU A 89 16.39 25.77 -3.24
N SER A 90 17.10 26.19 -2.20
CA SER A 90 18.51 26.54 -2.30
C SER A 90 19.36 25.28 -2.28
N ARG A 91 18.70 24.13 -2.16
CA ARG A 91 19.39 22.85 -2.09
C ARG A 91 18.90 21.87 -3.15
N ARG A 92 17.74 22.17 -3.73
CA ARG A 92 17.14 21.32 -4.77
C ARG A 92 18.07 20.86 -5.91
N PRO A 93 18.89 21.77 -6.48
CA PRO A 93 19.81 21.31 -7.52
C PRO A 93 20.71 20.17 -7.07
N ILE A 94 21.46 20.41 -5.99
CA ILE A 94 22.37 19.42 -5.44
C ILE A 94 21.66 18.14 -5.01
N VAL A 95 20.55 18.31 -4.29
CA VAL A 95 19.75 17.19 -3.80
C VAL A 95 19.29 16.27 -4.94
N GLU A 96 18.75 16.86 -6.00
CA GLU A 96 18.34 16.09 -7.16
C GLU A 96 19.53 15.42 -7.82
N GLN A 97 20.60 16.19 -7.99
CA GLN A 97 21.83 15.70 -8.60
C GLN A 97 22.37 14.45 -7.89
N ALA A 98 22.23 14.42 -6.57
CA ALA A 98 22.67 13.26 -5.80
C ALA A 98 21.66 12.12 -5.82
N LEU A 99 20.37 12.47 -5.89
CA LEU A 99 19.32 11.45 -5.97
C LEU A 99 19.41 10.66 -7.28
N TYR A 100 19.83 11.32 -8.36
CA TYR A 100 20.04 10.62 -9.62
C TYR A 100 21.17 9.60 -9.51
N GLN A 101 22.25 9.98 -8.86
CA GLN A 101 23.36 9.06 -8.64
C GLN A 101 22.94 7.94 -7.70
N PHE A 102 21.97 8.23 -6.83
CA PHE A 102 21.40 7.19 -5.98
C PHE A 102 20.62 6.20 -6.85
N SER A 103 19.98 6.73 -7.89
CA SER A 103 19.29 5.88 -8.87
C SER A 103 20.29 4.98 -9.59
N ASN A 104 21.31 5.57 -10.20
CA ASN A 104 22.34 4.81 -10.89
C ASN A 104 22.98 3.76 -9.98
N LEU A 105 23.08 4.09 -8.69
CA LEU A 105 23.58 3.15 -7.70
C LEU A 105 22.63 1.98 -7.52
N LEU A 106 21.34 2.27 -7.41
CA LEU A 106 20.33 1.22 -7.30
C LEU A 106 20.27 0.36 -8.55
N ASN A 107 20.79 0.87 -9.66
CA ASN A 107 20.83 0.10 -10.90
C ASN A 107 22.02 -0.85 -10.97
N SER A 108 22.97 -0.70 -10.05
CA SER A 108 24.05 -1.66 -9.90
C SER A 108 23.51 -2.86 -9.15
N LYS A 109 23.65 -4.05 -9.73
CA LYS A 109 23.05 -5.26 -9.18
C LYS A 109 23.64 -5.62 -7.82
N SER A 110 24.97 -5.62 -7.75
CA SER A 110 25.66 -5.97 -6.51
C SER A 110 25.23 -5.04 -5.37
N PHE A 111 25.11 -3.75 -5.66
CA PHE A 111 24.70 -2.79 -4.65
C PHE A 111 23.30 -3.10 -4.14
N LEU A 112 22.37 -3.33 -5.07
CA LEU A 112 20.99 -3.57 -4.70
C LEU A 112 20.84 -4.85 -3.88
N ILE A 113 21.53 -5.91 -4.29
CA ILE A 113 21.43 -7.17 -3.57
C ILE A 113 22.04 -7.10 -2.18
N ASN A 114 23.23 -6.49 -2.08
CA ASN A 114 23.84 -6.29 -0.76
C ASN A 114 22.96 -5.42 0.15
N PHE A 115 22.40 -4.36 -0.42
CA PHE A 115 21.46 -3.48 0.27
C PHE A 115 20.31 -4.29 0.86
N ILE A 116 19.65 -5.05 0.00
CA ILE A 116 18.50 -5.85 0.43
C ILE A 116 18.86 -6.89 1.50
N HIS A 117 19.94 -7.62 1.29
CA HIS A 117 20.39 -8.62 2.26
C HIS A 117 20.70 -7.99 3.61
N THR A 118 21.43 -6.88 3.57
CA THR A 118 21.81 -6.14 4.77
C THR A 118 20.56 -5.74 5.55
N LEU A 119 19.59 -5.19 4.84
CA LEU A 119 18.33 -4.79 5.48
C LEU A 119 17.57 -5.97 6.07
N GLU A 120 17.55 -7.09 5.36
CA GLU A 120 16.87 -8.29 5.84
C GLU A 120 17.53 -8.83 7.10
N ASN A 121 18.85 -8.64 7.20
CA ASN A 121 19.62 -9.09 8.36
C ASN A 121 19.13 -8.45 9.66
N GLN A 122 18.93 -7.13 9.64
CA GLN A 122 18.60 -6.37 10.84
C GLN A 122 17.26 -6.76 11.47
N ARG A 123 17.27 -7.00 12.77
CA ARG A 123 16.07 -7.38 13.49
C ARG A 123 15.06 -6.23 13.50
N GLU A 124 15.55 -5.04 13.83
CA GLU A 124 14.72 -3.83 13.86
C GLU A 124 14.20 -3.48 12.46
N PHE A 125 13.27 -4.28 11.95
CA PHE A 125 12.74 -4.11 10.61
C PHE A 125 11.33 -4.68 10.52
N SER A 126 10.34 -3.87 10.90
CA SER A 126 8.95 -4.31 10.96
C SER A 126 8.42 -4.87 9.64
N ALA A 127 7.26 -5.53 9.70
CA ALA A 127 6.62 -6.06 8.48
C ALA A 127 6.24 -4.90 7.57
N ARG A 128 5.79 -3.81 8.20
CA ARG A 128 5.57 -2.55 7.54
C ARG A 128 6.79 -2.22 6.69
N ALA A 129 7.97 -2.27 7.31
CA ALA A 129 9.21 -1.92 6.66
C ALA A 129 9.44 -2.77 5.40
N LYS A 130 9.24 -4.08 5.52
CA LYS A 130 9.35 -4.99 4.39
C LYS A 130 8.45 -4.54 3.23
N VAL A 131 7.14 -4.48 3.49
CA VAL A 131 6.16 -4.14 2.46
C VAL A 131 6.45 -2.78 1.81
N TYR A 132 6.48 -1.73 2.64
CA TYR A 132 6.75 -0.37 2.20
C TYR A 132 8.02 -0.27 1.37
N PHE A 133 9.14 -0.77 1.91
CA PHE A 133 10.41 -0.77 1.20
C PHE A 133 10.27 -1.39 -0.18
N ALA A 134 9.67 -2.58 -0.23
CA ALA A 134 9.48 -3.26 -1.50
C ALA A 134 8.70 -2.38 -2.50
N SER A 135 7.65 -1.73 -2.01
CA SER A 135 6.85 -0.85 -2.87
C SER A 135 7.64 0.36 -3.39
N LEU A 136 8.45 0.94 -2.53
CA LEU A 136 9.37 1.99 -2.94
C LEU A 136 10.29 1.49 -4.04
N LEU A 137 10.79 0.26 -3.87
CA LEU A 137 11.70 -0.33 -4.85
C LEU A 137 11.01 -0.54 -6.18
N THR A 138 9.72 -0.86 -6.11
CA THR A 138 8.90 -1.02 -7.30
C THR A 138 8.75 0.31 -8.03
N VAL A 139 8.51 1.38 -7.28
CA VAL A 139 8.32 2.71 -7.88
C VAL A 139 9.62 3.32 -8.45
N ALA A 140 10.71 3.10 -7.73
CA ALA A 140 12.00 3.67 -8.11
C ALA A 140 12.66 2.92 -9.28
N LEU A 141 12.31 1.64 -9.44
CA LEU A 141 12.88 0.84 -10.52
C LEU A 141 11.90 0.61 -11.66
N HIS A 142 10.83 1.40 -11.68
CA HIS A 142 9.82 1.29 -12.73
C HIS A 142 10.46 1.54 -14.10
N GLY A 143 11.54 2.32 -14.11
CA GLY A 143 12.29 2.62 -15.31
C GLY A 143 12.74 1.40 -16.09
N LYS A 144 13.55 0.56 -15.46
CA LYS A 144 13.97 -0.69 -16.10
C LYS A 144 13.36 -1.89 -15.39
N LEU A 145 12.12 -2.22 -15.75
CA LEU A 145 11.40 -3.32 -15.10
C LEU A 145 12.01 -4.70 -15.38
N GLU A 146 12.83 -4.80 -16.41
CA GLU A 146 13.55 -6.05 -16.69
C GLU A 146 14.59 -6.26 -15.59
N TYR A 147 15.17 -5.17 -15.11
CA TYR A 147 16.15 -5.22 -14.03
C TYR A 147 15.45 -5.58 -12.72
N TYR A 148 14.27 -4.99 -12.52
CA TYR A 148 13.44 -5.31 -11.37
C TYR A 148 13.16 -6.81 -11.34
N THR A 149 12.61 -7.30 -12.46
CA THR A 149 12.30 -8.72 -12.62
C THR A 149 13.54 -9.58 -12.40
N ASP A 150 14.70 -9.07 -12.82
CA ASP A 150 15.97 -9.75 -12.59
C ASP A 150 16.23 -9.91 -11.08
N ILE A 151 16.15 -8.81 -10.35
CA ILE A 151 16.34 -8.83 -8.90
C ILE A 151 15.37 -9.82 -8.25
N MET A 152 14.11 -9.73 -8.64
CA MET A 152 13.08 -10.61 -8.13
C MET A 152 13.41 -12.08 -8.41
N ARG A 153 13.90 -12.37 -9.60
CA ARG A 153 14.34 -13.71 -9.96
C ARG A 153 15.42 -14.19 -9.01
N THR A 154 16.41 -13.33 -8.76
CA THR A 154 17.51 -13.68 -7.88
C THR A 154 17.00 -14.02 -6.47
N LEU A 155 16.31 -13.07 -5.86
CA LEU A 155 15.84 -13.25 -4.49
C LEU A 155 14.84 -14.39 -4.36
N PHE A 156 14.09 -14.66 -5.42
CA PHE A 156 13.10 -15.73 -5.41
C PHE A 156 13.79 -17.08 -5.52
N LEU A 157 14.86 -17.13 -6.31
CA LEU A 157 15.64 -18.36 -6.42
C LEU A 157 16.30 -18.67 -5.09
N GLU A 158 16.91 -17.65 -4.48
CA GLU A 158 17.57 -17.81 -3.19
C GLU A 158 16.60 -18.22 -2.09
N LEU A 159 15.43 -17.59 -2.07
CA LEU A 159 14.39 -17.93 -1.11
C LEU A 159 13.94 -19.37 -1.32
N MET A 160 13.74 -19.74 -2.57
CA MET A 160 13.32 -21.09 -2.93
C MET A 160 14.32 -22.14 -2.44
N GLU A 161 15.59 -21.92 -2.73
CA GLU A 161 16.63 -22.87 -2.36
C GLU A 161 16.84 -22.92 -0.85
N GLN A 162 16.61 -21.79 -0.17
CA GLN A 162 16.70 -21.77 1.29
C GLN A 162 15.49 -22.43 1.92
N TYR A 163 14.39 -22.52 1.17
CA TYR A 163 13.15 -23.12 1.67
C TYR A 163 13.12 -24.63 1.47
N VAL A 164 13.64 -25.08 0.33
CA VAL A 164 13.65 -26.50 0.00
C VAL A 164 14.43 -27.32 1.02
N VAL A 165 15.65 -26.87 1.32
CA VAL A 165 16.45 -27.51 2.37
C VAL A 165 16.32 -26.77 3.69
N ALA A 166 15.09 -26.42 4.04
CA ALA A 166 14.78 -25.82 5.33
C ALA A 166 14.04 -26.84 6.18
N LYS A 167 12.73 -26.63 6.30
CA LYS A 167 11.88 -27.56 7.04
C LYS A 167 10.67 -27.96 6.19
N ASN A 168 10.08 -26.97 5.53
CA ASN A 168 8.89 -27.21 4.71
C ASN A 168 8.83 -26.29 3.50
N PRO A 169 9.09 -26.84 2.30
CA PRO A 169 9.08 -26.07 1.06
C PRO A 169 7.65 -25.77 0.57
N LYS A 170 6.65 -26.36 1.22
CA LYS A 170 5.27 -26.06 0.90
C LYS A 170 4.79 -24.84 1.70
N LEU A 171 5.67 -24.36 2.58
CA LEU A 171 5.39 -23.20 3.41
C LEU A 171 5.82 -21.92 2.69
N MET A 172 6.49 -22.09 1.55
CA MET A 172 7.02 -20.97 0.78
C MET A 172 5.92 -20.00 0.36
N LEU A 173 6.23 -18.71 0.41
CA LEU A 173 5.30 -17.65 0.00
C LEU A 173 4.00 -17.65 0.81
N ARG A 174 4.09 -18.04 2.09
CA ARG A 174 2.91 -18.06 2.95
C ARG A 174 3.13 -17.21 4.19
N ARG A 175 4.37 -16.78 4.42
CA ARG A 175 4.71 -16.00 5.60
C ARG A 175 4.66 -14.50 5.36
N SER A 176 4.92 -14.09 4.12
CA SER A 176 5.04 -12.68 3.75
C SER A 176 6.06 -11.96 4.63
N GLU A 177 7.08 -12.71 5.07
CA GLU A 177 8.07 -12.19 6.01
C GLU A 177 9.35 -11.79 5.29
N THR A 178 9.28 -11.63 3.97
CA THR A 178 10.43 -11.17 3.20
C THR A 178 10.05 -10.10 2.17
N VAL A 179 11.07 -9.46 1.61
CA VAL A 179 10.87 -8.38 0.66
C VAL A 179 10.39 -8.88 -0.69
N VAL A 180 11.06 -9.91 -1.20
CA VAL A 180 10.79 -10.44 -2.54
C VAL A 180 9.35 -10.96 -2.69
N GLU A 181 8.72 -11.32 -1.58
CA GLU A 181 7.31 -11.73 -1.61
C GLU A 181 6.41 -10.52 -1.92
N ARG A 182 6.65 -9.41 -1.22
CA ARG A 182 5.91 -8.19 -1.48
C ARG A 182 6.26 -7.62 -2.86
N MET A 183 7.49 -7.86 -3.29
CA MET A 183 7.92 -7.48 -4.63
C MET A 183 7.10 -8.21 -5.67
N LEU A 184 7.02 -9.53 -5.53
CA LEU A 184 6.20 -10.35 -6.41
C LEU A 184 4.75 -9.87 -6.39
N SER A 185 4.26 -9.54 -5.20
CA SER A 185 2.91 -9.03 -5.04
C SER A 185 2.71 -7.83 -5.95
N ASN A 186 3.60 -6.85 -5.80
CA ASN A 186 3.57 -5.66 -6.64
C ASN A 186 3.73 -5.95 -8.14
N TRP A 187 4.48 -7.00 -8.46
CA TRP A 187 4.72 -7.37 -9.84
C TRP A 187 3.41 -7.85 -10.48
N MET A 188 2.73 -8.73 -9.76
CA MET A 188 1.41 -9.19 -10.19
C MET A 188 0.46 -8.00 -10.32
N SER A 189 0.46 -7.11 -9.32
CA SER A 189 -0.39 -5.93 -9.37
C SER A 189 -0.15 -5.12 -10.65
N ILE A 190 1.12 -4.81 -10.90
CA ILE A 190 1.53 -4.06 -12.10
C ILE A 190 1.06 -4.70 -13.40
N CYS A 191 1.45 -5.96 -13.60
CA CYS A 191 1.24 -6.60 -14.89
C CYS A 191 -0.25 -6.87 -15.16
N LEU A 192 -1.06 -6.87 -14.10
CA LEU A 192 -2.45 -7.24 -14.26
C LEU A 192 -3.40 -6.04 -14.24
N TYR A 193 -2.83 -4.84 -14.25
CA TYR A 193 -3.65 -3.63 -14.31
C TYR A 193 -4.55 -3.66 -15.55
N GLN A 194 -3.96 -3.87 -16.71
CA GLN A 194 -4.73 -3.88 -17.96
C GLN A 194 -5.69 -5.06 -18.04
N TYR A 195 -5.43 -6.10 -17.25
CA TYR A 195 -6.34 -7.24 -17.20
C TYR A 195 -7.53 -6.92 -16.31
N LEU A 196 -7.30 -6.10 -15.30
CA LEU A 196 -8.36 -5.65 -14.40
C LEU A 196 -9.29 -4.70 -15.14
N LYS A 197 -8.68 -3.82 -15.94
CA LYS A 197 -9.41 -2.79 -16.67
C LYS A 197 -10.22 -3.39 -17.81
N ASP A 198 -9.96 -4.66 -18.11
CA ASP A 198 -10.65 -5.35 -19.20
C ASP A 198 -11.83 -6.20 -18.74
N SER A 199 -11.55 -7.39 -18.22
CA SER A 199 -12.62 -8.33 -17.90
C SER A 199 -12.80 -8.55 -16.40
N ALA A 200 -11.73 -8.32 -15.65
CA ALA A 200 -11.73 -8.61 -14.22
C ALA A 200 -12.57 -7.61 -13.42
N GLY A 201 -12.49 -6.34 -13.82
CA GLY A 201 -13.17 -5.28 -13.09
C GLY A 201 -14.68 -5.35 -13.18
N GLU A 202 -15.17 -5.92 -14.26
CA GLU A 202 -16.60 -6.05 -14.49
C GLU A 202 -17.37 -6.80 -13.38
N PRO A 203 -17.13 -8.12 -13.24
CA PRO A 203 -18.00 -8.80 -12.27
C PRO A 203 -17.61 -8.46 -10.84
N LEU A 204 -16.45 -7.83 -10.68
CA LEU A 204 -15.96 -7.41 -9.37
C LEU A 204 -16.68 -6.14 -8.92
N TYR A 205 -16.82 -5.19 -9.83
CA TYR A 205 -17.62 -4.00 -9.56
C TYR A 205 -19.06 -4.42 -9.32
N LYS A 206 -19.58 -5.29 -10.18
CA LYS A 206 -20.95 -5.79 -9.99
C LYS A 206 -21.14 -6.44 -8.62
N LEU A 207 -20.17 -7.26 -8.21
CA LEU A 207 -20.18 -7.91 -6.91
C LEU A 207 -20.22 -6.89 -5.77
N PHE A 208 -19.29 -5.92 -5.82
CA PHE A 208 -19.22 -4.87 -4.82
C PHE A 208 -20.57 -4.17 -4.68
N LYS A 209 -21.04 -3.62 -5.79
CA LYS A 209 -22.29 -2.84 -5.79
C LYS A 209 -23.48 -3.68 -5.30
N ALA A 210 -23.46 -4.97 -5.60
CA ALA A 210 -24.50 -5.88 -5.14
C ALA A 210 -24.50 -6.01 -3.62
N ILE A 211 -23.32 -6.32 -3.08
CA ILE A 211 -23.15 -6.44 -1.63
C ILE A 211 -23.57 -5.15 -0.93
N LYS A 212 -23.09 -4.03 -1.45
CA LYS A 212 -23.43 -2.70 -0.94
C LYS A 212 -24.94 -2.49 -0.94
N HIS A 213 -25.60 -2.95 -2.00
CA HIS A 213 -27.06 -2.83 -2.12
C HIS A 213 -27.78 -3.64 -1.05
N GLN A 214 -27.41 -4.91 -0.91
CA GLN A 214 -28.05 -5.76 0.10
C GLN A 214 -27.78 -5.25 1.52
N VAL A 215 -26.63 -4.58 1.70
CA VAL A 215 -26.29 -3.98 2.98
C VAL A 215 -27.16 -2.77 3.29
N GLU A 216 -27.20 -1.81 2.37
CA GLU A 216 -27.97 -0.58 2.59
C GLU A 216 -29.48 -0.81 2.50
N LYS A 217 -29.87 -1.99 2.05
CA LYS A 217 -31.28 -2.37 1.99
C LYS A 217 -31.81 -2.58 3.40
N GLY A 218 -30.92 -2.96 4.32
CA GLY A 218 -31.27 -3.18 5.70
C GLY A 218 -30.54 -2.25 6.65
N PRO A 219 -30.94 -2.26 7.94
CA PRO A 219 -30.39 -1.36 8.94
C PRO A 219 -28.93 -1.65 9.28
N VAL A 220 -28.17 -0.59 9.52
CA VAL A 220 -26.77 -0.69 9.94
C VAL A 220 -26.57 0.20 11.17
N ASP A 221 -25.92 -0.35 12.19
CA ASP A 221 -25.60 0.42 13.40
C ASP A 221 -24.31 1.21 13.18
N ALA A 222 -24.33 2.49 13.53
CA ALA A 222 -23.19 3.37 13.29
C ALA A 222 -22.10 3.20 14.35
N VAL A 223 -22.52 2.83 15.55
CA VAL A 223 -21.60 2.65 16.67
C VAL A 223 -20.70 1.43 16.48
N GLN A 224 -21.31 0.24 16.42
CA GLN A 224 -20.55 -1.01 16.40
C GLN A 224 -20.26 -1.52 14.98
N LYS A 225 -20.79 -0.84 13.98
CA LYS A 225 -20.68 -1.28 12.58
C LYS A 225 -21.18 -2.70 12.36
N LYS A 226 -22.40 -2.98 12.82
CA LYS A 226 -23.04 -4.27 12.62
C LYS A 226 -24.34 -4.10 11.83
N ALA A 227 -24.42 -4.76 10.68
CA ALA A 227 -25.59 -4.63 9.82
C ALA A 227 -26.48 -5.86 9.84
N LYS A 228 -27.75 -5.65 9.49
CA LYS A 228 -28.73 -6.73 9.47
C LYS A 228 -28.46 -7.67 8.30
N TYR A 229 -27.82 -7.13 7.26
CA TYR A 229 -27.47 -7.92 6.10
C TYR A 229 -25.96 -7.90 5.83
N THR A 230 -25.33 -9.05 6.00
CA THR A 230 -23.90 -9.20 5.73
C THR A 230 -23.52 -10.68 5.66
N LEU A 231 -22.32 -10.96 5.16
CA LEU A 231 -21.82 -12.33 5.08
C LEU A 231 -21.01 -12.66 6.33
N ASN A 232 -20.59 -11.63 7.04
CA ASN A 232 -19.83 -11.81 8.26
C ASN A 232 -20.74 -12.13 9.43
N ASP A 233 -20.45 -13.23 10.13
CA ASP A 233 -21.21 -13.60 11.30
C ASP A 233 -20.87 -12.69 12.48
N THR A 234 -19.63 -12.25 12.52
CA THR A 234 -19.15 -11.39 13.59
C THR A 234 -19.66 -9.98 13.44
N GLY A 235 -19.93 -9.58 12.20
CA GLY A 235 -20.41 -8.23 11.91
C GLY A 235 -21.89 -8.19 11.59
N LEU A 236 -22.64 -9.13 12.17
CA LEU A 236 -24.09 -9.19 11.94
C LEU A 236 -24.85 -8.58 13.10
N LEU A 237 -25.96 -7.91 12.78
CA LEU A 237 -26.74 -7.20 13.80
C LEU A 237 -27.83 -8.06 14.40
N GLY A 238 -27.82 -8.20 15.72
CA GLY A 238 -28.81 -9.01 16.42
C GLY A 238 -30.09 -8.25 16.70
N ASP A 240 -33.19 -7.08 17.10
CA ASP A 240 -34.04 -7.04 15.92
C ASP A 240 -34.97 -5.83 15.97
N VAL A 241 -34.53 -4.73 15.37
CA VAL A 241 -35.24 -3.45 15.47
C VAL A 241 -36.12 -3.20 14.26
N GLU A 242 -37.34 -2.72 14.51
CA GLU A 242 -38.25 -2.38 13.42
C GLU A 242 -37.77 -1.13 12.69
N TYR A 243 -38.02 -1.10 11.39
CA TYR A 243 -37.61 0.02 10.55
C TYR A 243 -38.53 0.10 9.35
N ALA A 244 -38.17 0.94 8.38
CA ALA A 244 -38.95 1.08 7.15
C ALA A 244 -38.14 1.72 6.03
N PRO A 245 -38.22 1.17 4.82
CA PRO A 245 -37.58 1.75 3.63
C PRO A 245 -38.25 3.05 3.24
N LEU A 246 -37.71 4.17 3.72
CA LEU A 246 -38.29 5.49 3.51
C LEU A 246 -37.78 6.08 2.19
N THR A 247 -38.57 6.97 1.59
CA THR A 247 -38.15 7.69 0.39
C THR A 247 -38.38 9.19 0.58
N VAL A 248 -37.29 9.95 0.56
CA VAL A 248 -37.35 11.36 0.91
C VAL A 248 -36.92 12.26 -0.26
N SER A 249 -37.40 13.50 -0.27
CA SER A 249 -37.07 14.45 -1.33
C SER A 249 -36.05 15.48 -0.85
N VAL A 250 -34.89 15.51 -1.49
CA VAL A 250 -33.79 16.36 -1.06
C VAL A 250 -33.44 17.42 -2.09
N ILE A 251 -33.26 18.66 -1.65
CA ILE A 251 -32.95 19.75 -2.56
C ILE A 251 -31.52 20.25 -2.40
N VAL A 252 -30.80 20.28 -3.52
CA VAL A 252 -29.41 20.66 -3.55
C VAL A 252 -29.21 22.07 -4.10
N GLN A 253 -28.39 22.86 -3.41
CA GLN A 253 -28.17 24.25 -3.78
C GLN A 253 -26.71 24.51 -4.16
N ASP A 254 -26.46 24.75 -5.44
CA ASP A 254 -25.11 25.04 -5.92
C ASP A 254 -25.16 26.02 -7.08
N ILE A 257 -29.63 25.07 -8.43
CA ILE A 257 -30.53 24.38 -7.51
C ILE A 257 -31.34 23.28 -8.19
N ASP A 258 -31.32 22.09 -7.61
CA ASP A 258 -32.04 20.95 -8.20
C ASP A 258 -32.61 20.00 -7.14
N ALA A 259 -33.75 19.40 -7.43
CA ALA A 259 -34.38 18.49 -6.48
C ALA A 259 -34.22 17.02 -6.90
N ILE A 260 -33.72 16.22 -5.96
CA ILE A 260 -33.42 14.82 -6.20
C ILE A 260 -34.07 13.93 -5.14
N PRO A 261 -34.73 12.85 -5.56
CA PRO A 261 -35.31 11.86 -4.65
C PRO A 261 -34.25 10.87 -4.15
N VAL A 262 -34.38 10.43 -2.91
CA VAL A 262 -33.40 9.54 -2.28
C VAL A 262 -34.04 8.47 -1.41
N LYS A 263 -33.60 7.22 -1.56
CA LYS A 263 -34.11 6.11 -0.74
C LYS A 263 -33.23 5.85 0.49
N VAL A 264 -33.85 5.90 1.67
CA VAL A 264 -33.14 5.70 2.93
C VAL A 264 -33.91 4.80 3.88
N LEU A 265 -33.55 4.84 5.16
CA LEU A 265 -34.23 4.09 6.20
C LEU A 265 -34.52 5.02 7.38
N ASN A 266 -35.68 4.85 8.01
CA ASN A 266 -36.07 5.71 9.13
C ASN A 266 -35.21 5.55 10.38
N CYS A 267 -34.54 4.40 10.49
CA CYS A 267 -33.71 4.13 11.66
C CYS A 267 -32.27 4.56 11.43
N ASP A 268 -31.98 5.04 10.23
CA ASP A 268 -30.63 5.51 9.92
C ASP A 268 -30.31 6.79 10.67
N THR A 269 -29.06 6.90 11.12
CA THR A 269 -28.60 8.12 11.78
C THR A 269 -28.61 9.26 10.78
N ILE A 270 -28.60 10.49 11.27
CA ILE A 270 -28.60 11.66 10.40
C ILE A 270 -27.35 11.67 9.51
N SER A 271 -26.22 11.27 10.10
CA SER A 271 -24.98 11.17 9.34
C SER A 271 -25.12 10.15 8.22
N GLN A 272 -25.60 8.96 8.57
CA GLN A 272 -25.84 7.91 7.58
C GLN A 272 -26.77 8.39 6.47
N VAL A 273 -27.84 9.08 6.84
CA VAL A 273 -28.77 9.63 5.88
C VAL A 273 -28.07 10.60 4.92
N LYS A 274 -27.22 11.46 5.49
CA LYS A 274 -26.43 12.41 4.70
C LYS A 274 -25.52 11.68 3.70
N GLU A 275 -24.89 10.61 4.16
CA GLU A 275 -24.07 9.76 3.29
C GLU A 275 -24.90 9.22 2.13
N LYS A 276 -26.10 8.71 2.44
CA LYS A 276 -26.98 8.16 1.43
C LYS A 276 -27.45 9.20 0.41
N ILE A 277 -27.58 10.46 0.84
CA ILE A 277 -27.92 11.54 -0.08
C ILE A 277 -26.74 11.92 -0.97
N ILE A 278 -25.63 12.28 -0.32
CA ILE A 278 -24.40 12.66 -1.03
C ILE A 278 -24.03 11.62 -2.08
N ASP A 279 -24.18 10.34 -1.73
CA ASP A 279 -23.93 9.24 -2.64
C ASP A 279 -24.70 9.39 -3.94
N GLN A 280 -25.89 9.99 -3.86
CA GLN A 280 -26.73 10.19 -5.05
C GLN A 280 -26.47 11.53 -5.73
N VAL A 281 -26.16 12.55 -4.95
CA VAL A 281 -25.94 13.90 -5.50
C VAL A 281 -24.63 13.98 -6.29
N TYR A 282 -23.58 13.33 -5.80
CA TYR A 282 -22.25 13.46 -6.39
C TYR A 282 -21.77 12.19 -7.08
N ARG A 283 -22.69 11.37 -7.59
CA ARG A 283 -22.32 10.15 -8.31
C ARG A 283 -21.32 10.43 -9.42
N THR A 284 -21.64 11.44 -10.24
CA THR A 284 -20.82 11.82 -11.38
C THR A 284 -19.44 12.32 -10.96
N GLN A 285 -19.31 12.63 -9.68
CA GLN A 285 -18.09 13.23 -9.14
C GLN A 285 -17.28 12.20 -8.34
N PRO A 286 -15.96 12.13 -8.60
CA PRO A 286 -15.05 11.24 -7.88
C PRO A 286 -15.16 11.38 -6.36
N CYS A 287 -14.77 10.36 -5.62
CA CYS A 287 -14.95 10.34 -4.18
C CYS A 287 -14.12 11.39 -3.43
N SER A 288 -12.94 11.68 -3.96
CA SER A 288 -12.04 12.66 -3.33
C SER A 288 -12.69 14.04 -3.21
N CYS A 289 -13.60 14.33 -4.14
CA CYS A 289 -14.23 15.63 -4.21
C CYS A 289 -15.51 15.69 -3.37
N TRP A 290 -16.04 14.53 -3.01
CA TRP A 290 -17.24 14.46 -2.19
C TRP A 290 -17.01 15.14 -0.84
N PRO A 291 -18.04 15.84 -0.33
CA PRO A 291 -17.96 16.44 1.00
C PRO A 291 -18.35 15.43 2.07
N LYS A 292 -17.73 15.53 3.25
CA LYS A 292 -18.08 14.68 4.38
C LYS A 292 -19.42 15.11 4.94
N PRO A 293 -20.12 14.21 5.66
CA PRO A 293 -21.42 14.57 6.26
C PRO A 293 -21.29 15.60 7.37
N ASP A 294 -20.07 16.03 7.65
CA ASP A 294 -19.80 17.02 8.69
C ASP A 294 -19.48 18.39 8.10
N SER A 295 -19.60 18.50 6.77
CA SER A 295 -19.46 19.78 6.09
C SER A 295 -20.67 20.07 5.21
N VAL A 296 -21.78 19.42 5.53
CA VAL A 296 -23.03 19.55 4.77
C VAL A 296 -24.21 19.61 5.76
N VAL A 297 -25.20 20.45 5.46
CA VAL A 297 -26.34 20.64 6.36
C VAL A 297 -27.61 20.00 5.80
N LEU A 298 -28.45 19.49 6.70
CA LEU A 298 -29.72 18.89 6.32
C LEU A 298 -30.86 19.53 7.08
N GLU A 299 -31.82 20.10 6.36
CA GLU A 299 -32.96 20.74 6.99
C GLU A 299 -34.30 20.12 6.62
N TRP A 300 -35.27 20.30 7.51
CA TRP A 300 -36.65 19.88 7.29
C TRP A 300 -37.53 21.12 7.48
N ARG A 301 -38.26 21.52 6.43
CA ARG A 301 -39.11 22.70 6.46
C ARG A 301 -40.59 22.34 6.46
N PRO A 302 -41.17 22.11 7.65
CA PRO A 302 -42.61 21.84 7.75
C PRO A 302 -43.35 23.14 8.07
N GLY A 303 -44.09 23.67 7.09
CA GLY A 303 -44.81 24.93 7.29
C GLY A 303 -43.96 26.20 7.17
N SER A 304 -43.44 26.68 8.29
CA SER A 304 -42.56 27.85 8.22
C SER A 304 -41.50 27.86 9.31
N THR A 305 -40.53 26.97 9.16
CA THR A 305 -39.39 26.90 10.06
C THR A 305 -38.19 26.28 9.36
N GLN A 307 -36.67 23.36 11.60
CA GLN A 307 -35.86 22.51 12.46
C GLN A 307 -34.66 21.94 11.72
N ILE A 308 -33.48 22.01 12.35
CA ILE A 308 -32.26 21.48 11.75
C ILE A 308 -31.97 20.06 12.24
N LEU A 309 -31.42 19.25 11.36
CA LEU A 309 -31.13 17.85 11.68
C LEU A 309 -29.66 17.64 11.98
N SER A 310 -29.39 17.20 13.20
CA SER A 310 -28.04 16.92 13.65
C SER A 310 -28.05 15.63 14.44
N ASP A 311 -27.03 14.81 14.20
CA ASP A 311 -26.88 13.52 14.88
C ASP A 311 -27.12 13.60 16.39
N LEU A 312 -26.56 14.63 17.02
CA LEU A 312 -26.79 14.86 18.43
C LEU A 312 -27.12 16.32 18.72
N ASP A 313 -28.20 16.53 19.46
CA ASP A 313 -28.71 17.87 19.71
C ASP A 313 -29.46 17.90 21.03
N LEU A 314 -30.16 19.00 21.29
CA LEU A 314 -30.95 19.14 22.51
C LEU A 314 -32.14 18.17 22.50
N THR A 315 -32.48 17.67 21.32
CA THR A 315 -33.61 16.75 21.16
C THR A 315 -33.17 15.29 21.28
N SER A 316 -31.87 15.06 21.45
CA SER A 316 -31.35 13.72 21.59
C SER A 316 -31.92 13.05 22.81
N GLN A 317 -32.21 11.76 22.70
CA GLN A 317 -32.84 11.04 23.79
C GLN A 317 -31.76 10.34 24.63
N ARG A 318 -31.61 10.80 25.86
CA ARG A 318 -30.60 10.29 26.79
C ARG A 318 -31.23 9.65 28.01
N GLU A 319 -30.46 8.80 28.68
CA GLU A 319 -30.91 8.11 29.88
C GLU A 319 -29.74 7.73 30.78
N TRP A 322 -26.26 7.72 29.01
CA TRP A 322 -26.14 7.24 27.64
C TRP A 322 -26.91 8.12 26.66
N LYS A 323 -26.29 8.40 25.52
CA LYS A 323 -26.89 9.25 24.50
C LYS A 323 -27.26 8.46 23.25
N ARG A 324 -28.45 8.72 22.71
CA ARG A 324 -28.89 8.03 21.50
C ARG A 324 -28.78 8.91 20.26
N ILE A 325 -27.99 8.45 19.29
CA ILE A 325 -27.85 9.16 18.02
C ILE A 325 -29.20 9.30 17.33
N ASN A 326 -29.51 10.52 16.90
CA ASN A 326 -30.80 10.82 16.30
C ASN A 326 -31.00 10.16 14.93
N THR A 327 -32.18 9.59 14.74
CA THR A 327 -32.54 8.93 13.48
C THR A 327 -33.70 9.67 12.83
N LEU A 328 -34.16 9.18 11.67
CA LEU A 328 -35.25 9.84 10.97
C LEU A 328 -36.60 9.65 11.67
N MET A 329 -36.80 8.46 12.24
CA MET A 329 -38.04 8.18 12.96
C MET A 329 -38.08 8.91 14.30
N HIS A 330 -36.98 9.58 14.63
CA HIS A 330 -36.91 10.38 15.85
C HIS A 330 -37.51 11.77 15.62
N TYR A 331 -37.25 12.32 14.44
CA TYR A 331 -37.73 13.65 14.09
C TYR A 331 -39.13 13.63 13.49
N ASN A 332 -39.86 12.54 13.72
CA ASN A 332 -41.22 12.37 13.20
C ASN A 332 -41.27 12.45 11.68
N VAL A 333 -40.12 12.21 11.04
CA VAL A 333 -40.01 12.29 9.59
C VAL A 333 -40.45 10.99 8.93
N ARG A 334 -41.63 11.02 8.31
CA ARG A 334 -42.14 9.85 7.62
C ARG A 334 -41.78 9.90 6.14
N ASP A 335 -42.34 8.99 5.35
CA ASP A 335 -42.04 8.90 3.93
C ASP A 335 -42.55 10.15 3.20
N GLY A 336 -42.01 10.37 1.99
CA GLY A 336 -42.48 11.45 1.14
C GLY A 336 -42.15 12.84 1.63
N ALA A 337 -41.39 12.92 2.72
CA ALA A 337 -41.00 14.20 3.30
C ALA A 337 -40.06 14.96 2.38
N THR A 338 -39.83 16.22 2.69
CA THR A 338 -38.97 17.06 1.87
C THR A 338 -37.82 17.61 2.72
N LEU A 339 -36.60 17.29 2.31
CA LEU A 339 -35.41 17.73 3.03
C LEU A 339 -34.55 18.66 2.16
N ILE A 340 -33.67 19.41 2.79
CA ILE A 340 -32.85 20.39 2.08
C ILE A 340 -31.38 20.23 2.41
N LEU A 341 -30.56 20.13 1.38
CA LEU A 341 -29.13 19.91 1.54
C LEU A 341 -28.34 21.16 1.13
N SER A 342 -27.72 21.82 2.11
CA SER A 342 -26.93 23.00 1.83
C SER A 342 -25.47 22.79 2.19
N LYS A 343 -24.59 22.99 1.22
CA LYS A 343 -23.15 22.80 1.42
C LYS A 343 -22.56 23.95 2.23
N VAL A 344 -22.58 23.80 3.55
CA VAL A 344 -22.02 24.84 4.43
C VAL A 344 -21.30 24.22 5.62
N ARG A 370 -21.96 7.20 27.55
CA ARG A 370 -21.45 7.06 26.18
C ARG A 370 -22.56 7.22 25.15
N VAL A 371 -22.40 6.56 24.01
CA VAL A 371 -23.32 6.75 22.88
C VAL A 371 -23.74 5.44 22.21
N TRP A 372 -25.03 5.32 21.92
CA TRP A 372 -25.56 4.14 21.22
C TRP A 372 -26.48 4.57 20.07
N HIS A 373 -26.60 3.72 19.06
CA HIS A 373 -27.50 3.99 17.95
C HIS A 373 -28.71 3.07 17.97
N LEU A 374 -28.47 1.77 17.89
CA LEU A 374 -29.55 0.79 17.82
C LEU A 374 -29.47 -0.21 18.96
N VAL A 375 -28.24 -0.55 19.35
CA VAL A 375 -28.02 -1.56 20.38
C VAL A 375 -27.33 -0.95 21.60
N ARG A 376 -27.96 -1.09 22.77
CA ARG A 376 -27.38 -0.60 24.01
C ARG A 376 -26.43 -1.63 24.62
N PRO A 377 -25.14 -1.32 24.67
CA PRO A 377 -24.15 -2.23 25.26
C PRO A 377 -24.04 -2.06 26.77
N THR A 401 -26.97 -18.57 15.62
CA THR A 401 -28.40 -18.81 15.77
C THR A 401 -29.07 -19.06 14.43
N GLU A 402 -30.32 -19.49 14.47
CA GLU A 402 -31.08 -19.81 13.27
C GLU A 402 -31.47 -18.58 12.46
N ILE A 403 -31.66 -17.44 13.14
CA ILE A 403 -31.93 -16.19 12.46
C ILE A 403 -30.68 -15.75 11.71
N TYR A 404 -29.53 -15.95 12.36
CA TYR A 404 -28.23 -15.68 11.77
C TYR A 404 -28.01 -16.57 10.55
N LEU A 405 -28.24 -17.87 10.72
CA LEU A 405 -28.09 -18.82 9.62
C LEU A 405 -29.01 -18.48 8.44
N THR A 406 -30.24 -18.10 8.74
CA THR A 406 -31.23 -17.76 7.71
C THR A 406 -30.85 -16.48 6.95
N ARG A 407 -30.44 -15.46 7.69
CA ARG A 407 -30.05 -14.19 7.08
C ARG A 407 -28.79 -14.35 6.23
N LEU A 408 -27.79 -15.02 6.79
CA LEU A 408 -26.55 -15.31 6.08
C LEU A 408 -26.80 -16.11 4.82
N LEU A 409 -27.72 -17.07 4.89
CA LEU A 409 -28.04 -17.91 3.74
C LEU A 409 -28.83 -17.18 2.66
N SER A 410 -29.76 -16.31 3.05
CA SER A 410 -30.51 -15.52 2.08
C SER A 410 -29.60 -14.52 1.38
N VAL A 411 -28.77 -13.84 2.15
CA VAL A 411 -27.78 -12.91 1.60
C VAL A 411 -26.85 -13.65 0.65
N LYS A 412 -26.36 -14.81 1.08
CA LYS A 412 -25.53 -15.68 0.26
C LYS A 412 -26.21 -16.04 -1.05
N GLY A 413 -27.51 -16.31 -0.97
CA GLY A 413 -28.30 -16.69 -2.13
C GLY A 413 -28.43 -15.54 -3.10
N THR A 414 -28.57 -14.32 -2.57
CA THR A 414 -28.68 -13.14 -3.42
C THR A 414 -27.35 -12.82 -4.11
N LEU A 415 -26.24 -12.96 -3.38
CA LEU A 415 -24.93 -12.61 -3.92
C LEU A 415 -24.27 -13.76 -4.69
N GLN A 416 -24.93 -14.92 -4.66
CA GLN A 416 -24.36 -16.13 -5.23
C GLN A 416 -24.07 -15.96 -6.71
N GLN A 417 -24.99 -15.31 -7.39
CA GLN A 417 -24.86 -15.05 -8.83
C GLN A 417 -23.60 -14.26 -9.14
N PHE A 418 -23.36 -13.19 -8.39
CA PHE A 418 -22.24 -12.30 -8.64
C PHE A 418 -20.90 -12.94 -8.25
N VAL A 419 -20.88 -13.60 -7.10
CA VAL A 419 -19.73 -14.38 -6.68
C VAL A 419 -19.34 -15.34 -7.78
N ASP A 420 -20.35 -16.05 -8.29
CA ASP A 420 -20.16 -17.06 -9.32
C ASP A 420 -19.63 -16.45 -10.61
N ASN A 421 -20.24 -15.37 -11.07
CA ASN A 421 -19.79 -14.70 -12.28
C ASN A 421 -18.32 -14.30 -12.15
N PHE A 422 -17.99 -13.63 -11.05
CA PHE A 422 -16.61 -13.30 -10.73
C PHE A 422 -15.64 -14.49 -10.81
N PHE A 423 -15.98 -15.60 -10.17
CA PHE A 423 -15.08 -16.75 -10.20
C PHE A 423 -14.97 -17.37 -11.59
N GLN A 424 -16.06 -17.35 -12.33
CA GLN A 424 -16.06 -17.92 -13.68
C GLN A 424 -15.28 -17.06 -14.67
N SER A 425 -15.15 -15.76 -14.38
CA SER A 425 -14.28 -14.91 -15.18
C SER A 425 -12.83 -15.06 -14.71
N VAL A 426 -12.66 -15.19 -13.40
CA VAL A 426 -11.32 -15.27 -12.80
C VAL A 426 -10.67 -16.63 -13.01
N LEU A 427 -11.43 -17.70 -12.80
CA LEU A 427 -10.88 -19.05 -12.81
C LEU A 427 -11.11 -19.78 -14.13
N ALA A 428 -11.63 -19.09 -15.14
CA ALA A 428 -11.80 -19.70 -16.45
C ALA A 428 -11.35 -18.74 -17.54
N HIS A 431 -11.10 -18.40 -20.56
CA HIS A 431 -10.65 -17.06 -20.88
C HIS A 431 -9.16 -17.02 -21.21
N ALA A 432 -8.70 -15.88 -21.72
CA ALA A 432 -7.30 -15.70 -22.06
C ALA A 432 -6.48 -15.31 -20.83
N VAL A 433 -5.76 -16.29 -20.29
CA VAL A 433 -4.91 -16.07 -19.12
C VAL A 433 -3.77 -15.11 -19.44
N PRO A 434 -3.60 -14.07 -18.60
CA PRO A 434 -2.57 -13.03 -18.78
C PRO A 434 -1.16 -13.60 -18.96
N PRO A 435 -0.32 -12.89 -19.75
CA PRO A 435 1.03 -13.35 -20.12
C PRO A 435 1.98 -13.46 -18.92
N ALA A 436 1.89 -12.52 -17.98
CA ALA A 436 2.77 -12.54 -16.82
C ALA A 436 2.45 -13.75 -15.93
N VAL A 437 1.17 -14.10 -15.87
CA VAL A 437 0.74 -15.27 -15.11
C VAL A 437 1.35 -16.53 -15.73
N LYS A 438 1.19 -16.67 -17.04
CA LYS A 438 1.76 -17.78 -17.79
C LYS A 438 3.27 -17.89 -17.58
N TYR A 439 3.95 -16.77 -17.75
CA TYR A 439 5.40 -16.67 -17.60
C TYR A 439 5.87 -17.08 -16.22
N PHE A 440 5.24 -16.53 -15.20
CA PHE A 440 5.64 -16.78 -13.82
C PHE A 440 5.30 -18.20 -13.35
N PHE A 441 4.15 -18.72 -13.77
CA PHE A 441 3.77 -20.07 -13.42
C PHE A 441 4.68 -21.10 -14.09
N ASP A 442 5.05 -20.84 -15.35
CA ASP A 442 5.99 -21.70 -16.05
C ASP A 442 7.39 -21.57 -15.46
N PHE A 443 7.70 -20.39 -14.92
CA PHE A 443 8.94 -20.19 -14.18
C PHE A 443 8.94 -21.03 -12.92
N LEU A 444 7.79 -21.11 -12.25
CA LEU A 444 7.65 -21.96 -11.08
C LEU A 444 7.78 -23.42 -11.46
N ASP A 445 7.29 -23.78 -12.64
CA ASP A 445 7.42 -25.14 -13.15
C ASP A 445 8.89 -25.51 -13.34
N GLU A 446 9.60 -24.73 -14.15
CA GLU A 446 11.01 -24.99 -14.42
C GLU A 446 11.87 -24.98 -13.16
N GLN A 447 11.62 -24.00 -12.29
CA GLN A 447 12.40 -23.91 -11.05
C GLN A 447 11.99 -24.98 -10.02
N ALA A 448 10.83 -25.61 -10.23
CA ALA A 448 10.44 -26.73 -9.39
C ALA A 448 11.07 -28.01 -9.92
N GLU A 449 11.34 -28.03 -11.22
CA GLU A 449 12.04 -29.16 -11.82
C GLU A 449 13.53 -29.09 -11.47
N LYS A 450 14.08 -27.88 -11.44
CA LYS A 450 15.49 -27.70 -11.10
C LYS A 450 15.73 -27.84 -9.59
N HIS A 451 14.69 -27.66 -8.80
CA HIS A 451 14.82 -27.76 -7.34
C HIS A 451 14.25 -29.07 -6.79
N ASP A 452 14.05 -30.04 -7.68
CA ASP A 452 13.74 -31.42 -7.30
C ASP A 452 12.55 -31.62 -6.36
N ILE A 453 11.68 -30.62 -6.26
CA ILE A 453 10.46 -30.79 -5.47
C ILE A 453 9.45 -31.63 -6.25
N ARG A 454 9.25 -32.85 -5.80
CA ARG A 454 8.43 -33.82 -6.52
C ARG A 454 6.94 -33.57 -6.40
N ASP A 455 6.49 -33.28 -5.18
CA ASP A 455 5.07 -33.12 -4.88
C ASP A 455 4.37 -32.07 -5.75
N GLU A 456 3.27 -32.47 -6.37
CA GLU A 456 2.49 -31.58 -7.23
C GLU A 456 1.70 -30.56 -6.42
N ASP A 457 1.29 -30.94 -5.21
CA ASP A 457 0.56 -30.04 -4.33
C ASP A 457 1.45 -28.94 -3.77
N THR A 458 2.76 -29.15 -3.80
CA THR A 458 3.70 -28.10 -3.41
C THR A 458 3.72 -27.00 -4.47
N ILE A 459 3.57 -27.41 -5.73
CA ILE A 459 3.54 -26.47 -6.85
C ILE A 459 2.16 -25.83 -6.94
N HIS A 460 1.12 -26.58 -6.58
CA HIS A 460 -0.22 -26.03 -6.54
C HIS A 460 -0.29 -24.96 -5.44
N ILE A 461 0.32 -25.28 -4.30
CA ILE A 461 0.41 -24.33 -3.19
C ILE A 461 1.26 -23.14 -3.57
N TRP A 462 2.33 -23.36 -4.33
CA TRP A 462 3.19 -22.28 -4.79
C TRP A 462 2.45 -21.31 -5.70
N LYS A 463 1.78 -21.85 -6.70
CA LYS A 463 1.00 -21.04 -7.64
C LYS A 463 -0.17 -20.34 -6.92
N THR A 464 -0.75 -21.03 -5.93
CA THR A 464 -1.82 -20.46 -5.12
C THR A 464 -1.33 -19.27 -4.31
N ASN A 465 -0.19 -19.44 -3.65
CA ASN A 465 0.39 -18.37 -2.87
C ASN A 465 0.82 -17.21 -3.76
N SER A 466 1.12 -17.52 -5.02
CA SER A 466 1.68 -16.55 -5.96
C SER A 466 0.65 -15.62 -6.59
N LEU A 467 -0.48 -16.17 -7.03
CA LEU A 467 -1.43 -15.38 -7.80
C LEU A 467 -2.78 -15.09 -7.11
N PRO A 468 -3.57 -16.12 -6.76
CA PRO A 468 -4.86 -15.77 -6.18
C PRO A 468 -4.78 -15.11 -4.80
N LEU A 469 -3.92 -15.62 -3.92
CA LEU A 469 -3.75 -15.05 -2.58
C LEU A 469 -3.11 -13.67 -2.65
N ARG A 470 -2.04 -13.57 -3.42
CA ARG A 470 -1.19 -12.39 -3.43
C ARG A 470 -1.82 -11.24 -4.22
N PHE A 471 -2.82 -11.55 -5.03
CA PHE A 471 -3.40 -10.55 -5.93
C PHE A 471 -4.92 -10.45 -5.82
N TRP A 472 -5.62 -11.53 -6.16
CA TRP A 472 -7.08 -11.52 -6.20
C TRP A 472 -7.74 -11.26 -4.84
N VAL A 473 -7.18 -11.84 -3.78
CA VAL A 473 -7.74 -11.68 -2.44
C VAL A 473 -7.63 -10.24 -1.96
N ASN A 474 -6.47 -9.62 -2.21
CA ASN A 474 -6.23 -8.25 -1.82
C ASN A 474 -7.26 -7.29 -2.42
N ILE A 475 -7.56 -7.49 -3.70
CA ILE A 475 -8.54 -6.66 -4.40
C ILE A 475 -9.95 -6.97 -3.92
N LEU A 476 -10.25 -8.27 -3.77
CA LEU A 476 -11.55 -8.70 -3.30
C LEU A 476 -11.89 -8.07 -1.96
N LYS A 477 -10.88 -7.91 -1.10
CA LYS A 477 -11.07 -7.30 0.20
C LYS A 477 -10.96 -5.78 0.15
N ASN A 478 -10.26 -5.27 -0.86
CA ASN A 478 -10.06 -3.84 -1.02
C ASN A 478 -10.38 -3.32 -2.42
N PRO A 479 -11.68 -3.26 -2.76
CA PRO A 479 -12.13 -2.87 -4.11
C PRO A 479 -11.76 -1.42 -4.42
N HIS A 480 -11.63 -0.61 -3.38
CA HIS A 480 -11.32 0.80 -3.53
C HIS A 480 -9.89 1.07 -3.98
N PHE A 481 -9.17 0.01 -4.35
CA PHE A 481 -7.83 0.14 -4.88
C PHE A 481 -7.84 0.30 -6.40
N ILE A 482 -8.92 -0.18 -7.01
CA ILE A 482 -9.05 -0.14 -8.47
C ILE A 482 -10.26 0.67 -8.93
N PHE A 483 -11.32 0.70 -8.11
CA PHE A 483 -12.53 1.44 -8.47
C PHE A 483 -12.67 2.75 -7.70
N ASP A 484 -13.24 3.76 -8.33
CA ASP A 484 -13.54 5.02 -7.66
C ASP A 484 -14.72 4.85 -6.71
N VAL A 485 -14.46 4.16 -5.62
CA VAL A 485 -15.47 3.90 -4.61
C VAL A 485 -14.81 4.05 -3.26
N HIS A 486 -15.59 4.40 -2.25
CA HIS A 486 -15.12 4.30 -0.89
C HIS A 486 -16.02 3.29 -0.19
N VAL A 487 -15.40 2.33 0.49
CA VAL A 487 -16.15 1.24 1.09
C VAL A 487 -16.08 1.28 2.62
N HIS A 488 -17.21 1.02 3.27
CA HIS A 488 -17.26 0.94 4.72
C HIS A 488 -16.96 -0.48 5.19
N GLU A 489 -16.66 -0.61 6.48
CA GLU A 489 -16.23 -1.88 7.06
C GLU A 489 -17.25 -3.00 6.82
N VAL A 490 -18.53 -2.63 6.79
CA VAL A 490 -19.59 -3.60 6.65
C VAL A 490 -19.53 -4.38 5.34
N VAL A 491 -19.26 -3.68 4.24
CA VAL A 491 -19.14 -4.34 2.95
C VAL A 491 -17.82 -5.10 2.83
N ASP A 492 -16.73 -4.43 3.22
CA ASP A 492 -15.41 -5.04 3.21
C ASP A 492 -15.36 -6.36 3.98
N ALA A 493 -16.17 -6.46 5.04
CA ALA A 493 -16.23 -7.69 5.83
C ALA A 493 -16.83 -8.84 5.03
N SER A 494 -17.92 -8.54 4.32
CA SER A 494 -18.60 -9.55 3.51
C SER A 494 -17.69 -9.98 2.36
N LEU A 495 -17.08 -9.00 1.71
CA LEU A 495 -16.09 -9.26 0.66
C LEU A 495 -14.95 -10.11 1.20
N SER A 496 -14.62 -9.93 2.48
CA SER A 496 -13.59 -10.71 3.14
C SER A 496 -14.04 -12.15 3.33
N VAL A 497 -15.34 -12.33 3.61
CA VAL A 497 -15.91 -13.66 3.71
C VAL A 497 -15.78 -14.37 2.37
N ILE A 498 -16.09 -13.63 1.29
CA ILE A 498 -15.92 -14.18 -0.05
C ILE A 498 -14.46 -14.49 -0.35
N ALA A 499 -13.56 -13.66 0.18
CA ALA A 499 -12.14 -13.87 -0.04
C ALA A 499 -11.63 -15.13 0.67
N GLN A 500 -12.16 -15.37 1.87
CA GLN A 500 -11.88 -16.60 2.61
C GLN A 500 -12.38 -17.80 1.79
N THR A 501 -13.62 -17.70 1.35
CA THR A 501 -14.24 -18.72 0.51
C THR A 501 -13.38 -19.02 -0.72
N PHE A 502 -12.85 -17.97 -1.34
CA PHE A 502 -12.03 -18.06 -2.54
C PHE A 502 -10.70 -18.74 -2.25
N MET A 503 -10.12 -18.42 -1.09
CA MET A 503 -8.85 -19.02 -0.70
C MET A 503 -8.99 -20.52 -0.40
N ASP A 504 -10.13 -20.89 0.18
CA ASP A 504 -10.38 -22.30 0.48
C ASP A 504 -10.56 -23.13 -0.79
N ALA A 505 -10.83 -22.45 -1.90
CA ALA A 505 -10.98 -23.10 -3.19
C ALA A 505 -9.62 -23.39 -3.82
N CYS A 506 -8.55 -23.01 -3.13
CA CYS A 506 -7.20 -23.21 -3.64
C CYS A 506 -6.35 -24.03 -2.67
N THR A 507 -6.87 -24.23 -1.46
CA THR A 507 -6.18 -25.04 -0.46
C THR A 507 -6.54 -26.52 -0.64
N ARG A 508 -5.53 -27.36 -0.78
CA ARG A 508 -5.72 -28.78 -1.01
C ARG A 508 -5.97 -29.55 0.27
N THR A 509 -6.49 -28.86 1.28
CA THR A 509 -6.78 -29.48 2.58
C THR A 509 -7.86 -30.54 2.46
N PRO A 518 -16.80 -22.80 11.29
CA PRO A 518 -16.56 -21.46 10.74
C PRO A 518 -17.69 -21.02 9.81
N SER A 519 -18.05 -19.75 9.86
CA SER A 519 -19.19 -19.25 9.09
C SER A 519 -18.93 -19.19 7.59
N ASN A 520 -17.69 -18.93 7.21
CA ASN A 520 -17.33 -18.96 5.80
C ASN A 520 -17.27 -20.41 5.30
N LYS A 521 -17.08 -21.33 6.24
CA LYS A 521 -17.03 -22.75 5.94
C LYS A 521 -18.44 -23.33 5.85
N LEU A 522 -19.34 -22.81 6.68
CA LEU A 522 -20.72 -23.27 6.70
C LEU A 522 -21.49 -22.69 5.51
N LEU A 523 -21.34 -21.38 5.28
CA LEU A 523 -22.06 -20.69 4.21
C LEU A 523 -21.88 -21.34 2.85
N TYR A 524 -20.64 -21.39 2.38
CA TYR A 524 -20.35 -21.91 1.05
C TYR A 524 -19.76 -23.31 1.12
N ALA A 525 -20.62 -24.31 0.93
CA ALA A 525 -20.25 -25.69 1.13
C ALA A 525 -19.86 -26.38 -0.18
N LYS A 526 -20.85 -26.60 -1.05
CA LYS A 526 -20.61 -27.26 -2.33
C LYS A 526 -19.85 -26.32 -3.27
N GLU A 527 -19.94 -25.03 -2.98
CA GLU A 527 -19.26 -23.99 -3.74
C GLU A 527 -17.77 -24.28 -3.87
N ILE A 528 -17.09 -24.36 -2.72
CA ILE A 528 -15.65 -24.58 -2.68
C ILE A 528 -15.21 -25.79 -3.49
N SER A 529 -15.94 -26.90 -3.32
CA SER A 529 -15.69 -28.11 -4.09
C SER A 529 -15.83 -27.89 -5.59
N THR A 530 -16.89 -27.18 -5.98
CA THR A 530 -17.12 -26.87 -7.39
C THR A 530 -15.97 -26.03 -7.96
N TYR A 531 -15.49 -25.06 -7.17
CA TYR A 531 -14.46 -24.14 -7.62
C TYR A 531 -13.06 -24.75 -7.63
N LYS A 532 -12.85 -25.80 -6.84
CA LYS A 532 -11.56 -26.48 -6.83
C LYS A 532 -11.22 -27.10 -8.18
N LYS A 533 -12.23 -27.68 -8.83
CA LYS A 533 -12.06 -28.22 -10.17
C LYS A 533 -11.67 -27.10 -11.13
N MET A 534 -12.30 -25.95 -10.96
CA MET A 534 -12.00 -24.77 -11.78
C MET A 534 -10.57 -24.32 -11.60
N VAL A 535 -10.09 -24.34 -10.36
CA VAL A 535 -8.73 -23.90 -10.05
C VAL A 535 -7.68 -24.86 -10.61
N GLU A 536 -7.86 -26.15 -10.37
CA GLU A 536 -6.93 -27.14 -10.88
C GLU A 536 -6.88 -27.16 -12.40
N ASP A 537 -8.06 -27.06 -13.02
CA ASP A 537 -8.15 -27.01 -14.48
C ASP A 537 -7.60 -25.68 -15.02
N TYR A 538 -7.63 -24.65 -14.19
CA TYR A 538 -7.07 -23.35 -14.55
C TYR A 538 -5.56 -23.48 -14.64
N TYR A 539 -4.95 -23.97 -13.56
CA TYR A 539 -3.50 -24.20 -13.52
C TYR A 539 -3.04 -25.13 -14.65
N LYS A 540 -3.82 -26.18 -14.89
CA LYS A 540 -3.52 -27.12 -15.98
C LYS A 540 -3.60 -26.41 -17.33
N GLY A 541 -4.60 -25.56 -17.49
CA GLY A 541 -4.78 -24.80 -18.71
C GLY A 541 -3.59 -23.89 -18.97
N ILE A 542 -3.08 -23.29 -17.90
CA ILE A 542 -1.89 -22.44 -17.97
C ILE A 542 -0.65 -23.27 -18.32
N ARG A 543 -0.60 -24.50 -17.80
CA ARG A 543 0.54 -25.37 -18.07
C ARG A 543 0.51 -25.91 -19.50
N GLN A 544 -0.69 -26.20 -20.00
CA GLN A 544 -0.84 -26.69 -21.37
C GLN A 544 -0.97 -25.53 -22.35
N MET A 545 -0.60 -24.33 -21.88
CA MET A 545 -0.67 -23.12 -22.69
C MET A 545 0.68 -22.84 -23.35
N VAL A 546 0.66 -22.17 -24.49
CA VAL A 546 1.88 -21.90 -25.26
C VAL A 546 2.86 -20.96 -24.52
N GLN A 547 4.13 -21.33 -24.54
CA GLN A 547 5.15 -20.64 -23.75
C GLN A 547 5.42 -19.20 -24.16
N VAL A 548 5.34 -18.29 -23.18
CA VAL A 548 5.75 -16.90 -23.37
C VAL A 548 7.24 -16.78 -23.04
N SER A 549 8.06 -16.58 -24.07
CA SER A 549 9.51 -16.54 -23.88
C SER A 549 9.93 -15.35 -23.02
N ASP A 550 11.22 -15.31 -22.68
CA ASP A 550 11.76 -14.22 -21.89
C ASP A 550 11.62 -12.88 -22.64
N GLN A 551 11.73 -12.94 -23.96
CA GLN A 551 11.70 -11.75 -24.80
C GLN A 551 10.31 -11.10 -24.83
N ASP A 552 9.28 -11.90 -25.08
CA ASP A 552 7.91 -11.41 -25.09
C ASP A 552 7.57 -10.73 -23.77
N MET A 553 7.99 -11.37 -22.69
CA MET A 553 7.74 -10.86 -21.35
C MET A 553 8.46 -9.54 -21.09
N ASN A 554 9.75 -9.50 -21.44
CA ASN A 554 10.53 -8.28 -21.34
C ASN A 554 9.91 -7.13 -22.13
N THR A 555 9.32 -7.46 -23.27
CA THR A 555 8.62 -6.48 -24.09
C THR A 555 7.37 -5.94 -23.39
N HIS A 556 6.54 -6.86 -22.90
CA HIS A 556 5.33 -6.46 -22.16
C HIS A 556 5.67 -5.60 -20.94
N LEU A 557 6.79 -5.88 -20.29
CA LEU A 557 7.28 -5.04 -19.19
C LEU A 557 7.69 -3.67 -19.73
N ALA A 558 8.34 -3.69 -20.89
CA ALA A 558 8.85 -2.48 -21.51
C ALA A 558 7.73 -1.49 -21.85
N GLU A 559 6.60 -1.99 -22.36
CA GLU A 559 5.51 -1.08 -22.67
C GLU A 559 4.94 -0.40 -21.42
N ILE A 560 4.92 -1.12 -20.30
CA ILE A 560 4.49 -0.55 -19.03
C ILE A 560 5.47 0.52 -18.55
N SER A 561 6.75 0.17 -18.51
CA SER A 561 7.80 1.10 -18.11
C SER A 561 7.77 2.38 -18.93
N ARG A 562 7.63 2.25 -20.24
CA ARG A 562 7.55 3.40 -21.12
C ARG A 562 6.27 4.23 -20.91
N ALA A 563 5.17 3.54 -20.61
CA ALA A 563 3.88 4.22 -20.48
C ALA A 563 3.65 4.94 -19.15
N HIS A 564 4.32 4.54 -18.07
CA HIS A 564 3.87 5.03 -16.76
C HIS A 564 4.89 5.65 -15.78
N THR A 565 6.18 5.54 -16.06
CA THR A 565 7.19 6.04 -15.12
C THR A 565 7.09 7.54 -14.85
N ASP A 566 6.71 8.30 -15.87
CA ASP A 566 6.77 9.75 -15.79
C ASP A 566 5.67 10.33 -14.92
N SER A 567 4.61 9.58 -14.73
CA SER A 567 3.53 10.01 -13.83
C SER A 567 3.81 9.54 -12.41
N LEU A 568 4.79 8.65 -12.26
CA LEU A 568 5.12 8.10 -10.93
C LEU A 568 5.99 9.03 -10.09
N ASN A 569 5.82 8.92 -8.78
CA ASN A 569 6.51 9.78 -7.83
C ASN A 569 7.92 9.27 -7.53
N THR A 570 8.82 9.45 -8.48
CA THR A 570 10.14 8.83 -8.41
C THR A 570 11.05 9.40 -7.31
N LEU A 571 11.18 10.73 -7.26
CA LEU A 571 12.09 11.36 -6.30
C LEU A 571 11.75 11.03 -4.85
N VAL A 572 10.48 11.02 -4.51
CA VAL A 572 10.08 10.71 -3.14
C VAL A 572 10.45 9.27 -2.77
N ALA A 573 10.14 8.33 -3.66
CA ALA A 573 10.57 6.93 -3.52
C ALA A 573 12.07 6.87 -3.24
N LEU A 574 12.83 7.49 -4.14
CA LEU A 574 14.29 7.51 -4.05
C LEU A 574 14.76 8.02 -2.69
N HIS A 575 14.12 9.08 -2.23
CA HIS A 575 14.49 9.70 -0.96
C HIS A 575 14.18 8.80 0.23
N GLN A 576 13.02 8.14 0.20
CA GLN A 576 12.65 7.22 1.26
C GLN A 576 13.67 6.07 1.35
N LEU A 577 13.95 5.43 0.21
CA LEU A 577 14.98 4.39 0.13
C LEU A 577 16.34 4.90 0.65
N TYR A 578 16.64 6.15 0.32
CA TYR A 578 17.83 6.81 0.82
C TYR A 578 17.84 6.86 2.34
N GLN A 579 16.67 7.14 2.92
CA GLN A 579 16.55 7.14 4.37
C GLN A 579 16.78 5.76 4.94
N TYR A 580 16.37 4.73 4.20
CA TYR A 580 16.69 3.36 4.60
C TYR A 580 18.19 3.11 4.63
N THR A 581 18.92 3.60 3.64
CA THR A 581 20.38 3.47 3.69
C THR A 581 20.97 4.29 4.82
N GLN A 582 20.29 5.39 5.14
CA GLN A 582 20.73 6.34 6.16
C GLN A 582 20.68 5.71 7.54
N LYS A 583 19.59 4.99 7.82
CA LYS A 583 19.41 4.35 9.12
C LYS A 583 20.45 3.27 9.40
N TYR A 584 20.83 2.52 8.36
CA TYR A 584 21.78 1.42 8.54
C TYR A 584 23.09 1.64 7.77
N TYR A 585 23.59 2.87 7.82
CA TYR A 585 24.76 3.26 7.03
C TYR A 585 25.98 2.36 7.24
N ASP A 586 26.30 2.08 8.50
CA ASP A 586 27.48 1.26 8.82
C ASP A 586 27.39 -0.16 8.27
N GLU A 587 26.31 -0.86 8.61
CA GLU A 587 26.10 -2.23 8.16
C GLU A 587 26.15 -2.36 6.63
N ILE A 588 25.65 -1.34 5.94
CA ILE A 588 25.62 -1.35 4.48
C ILE A 588 26.99 -1.07 3.87
N ILE A 589 27.67 -0.01 4.35
CA ILE A 589 29.02 0.29 3.89
C ILE A 589 29.95 -0.91 4.10
N ASN A 590 29.77 -1.57 5.23
CA ASN A 590 30.54 -2.77 5.54
C ASN A 590 30.16 -3.96 4.67
N ALA A 591 28.88 -4.08 4.37
CA ALA A 591 28.41 -5.13 3.47
C ALA A 591 29.00 -4.94 2.07
N LEU A 592 29.25 -3.68 1.71
CA LEU A 592 29.83 -3.35 0.41
C LEU A 592 31.35 -3.52 0.43
N GLU A 593 31.96 -3.36 1.61
CA GLU A 593 33.41 -3.54 1.73
C GLU A 593 33.78 -5.01 1.83
N GLU A 594 32.83 -5.83 2.29
CA GLU A 594 33.03 -7.27 2.36
C GLU A 594 33.00 -7.89 0.96
N ASP A 595 31.91 -7.64 0.23
CA ASP A 595 31.76 -8.14 -1.14
C ASP A 595 32.84 -7.56 -2.05
N PRO A 596 33.59 -8.43 -2.74
CA PRO A 596 34.75 -7.99 -3.54
C PRO A 596 34.34 -7.17 -4.76
N ALA A 597 33.17 -7.47 -5.33
CA ALA A 597 32.69 -6.76 -6.49
C ALA A 597 32.27 -5.35 -6.13
N ALA A 598 31.68 -5.21 -4.95
CA ALA A 598 31.19 -3.92 -4.47
C ALA A 598 32.34 -3.01 -4.02
N GLN A 599 33.47 -3.60 -3.67
CA GLN A 599 34.66 -2.83 -3.31
C GLN A 599 35.50 -2.60 -4.55
N LYS A 600 35.26 -3.42 -5.58
CA LYS A 600 35.89 -3.22 -6.88
C LYS A 600 35.26 -2.02 -7.58
N MET A 601 33.93 -1.98 -7.59
CA MET A 601 33.18 -0.87 -8.14
C MET A 601 33.22 0.34 -7.20
N GLN A 602 33.85 0.16 -6.04
CA GLN A 602 33.94 1.18 -5.01
C GLN A 602 32.56 1.75 -4.65
N LEU A 603 31.57 0.88 -4.62
CA LEU A 603 30.18 1.27 -4.35
C LEU A 603 30.04 1.93 -2.98
N ALA A 604 30.92 1.57 -2.05
CA ALA A 604 30.92 2.15 -0.71
C ALA A 604 31.26 3.64 -0.78
N PHE A 605 32.28 3.98 -1.56
CA PHE A 605 32.69 5.37 -1.73
C PHE A 605 31.59 6.18 -2.39
N ARG A 606 30.93 5.59 -3.38
CA ARG A 606 29.85 6.26 -4.09
C ARG A 606 28.68 6.54 -3.15
N LEU A 607 28.29 5.52 -2.38
CA LEU A 607 27.22 5.67 -1.40
C LEU A 607 27.58 6.74 -0.38
N GLN A 608 28.86 6.75 0.01
CA GLN A 608 29.36 7.74 0.95
C GLN A 608 29.23 9.16 0.42
N GLN A 609 29.60 9.36 -0.85
CA GLN A 609 29.45 10.68 -1.49
C GLN A 609 27.99 11.12 -1.56
N ILE A 610 27.15 10.20 -2.03
CA ILE A 610 25.72 10.48 -2.14
C ILE A 610 25.13 10.88 -0.80
N ALA A 611 25.46 10.12 0.24
CA ALA A 611 25.05 10.45 1.60
C ALA A 611 25.59 11.83 1.98
N ALA A 612 26.81 12.10 1.54
CA ALA A 612 27.48 13.35 1.86
C ALA A 612 26.70 14.55 1.36
N ALA A 613 26.16 14.45 0.16
CA ALA A 613 25.42 15.57 -0.45
C ALA A 613 24.03 15.80 0.15
N LEU A 614 23.31 14.70 0.39
CA LEU A 614 21.87 14.76 0.69
C LEU A 614 21.51 15.07 2.15
N GLU A 615 22.47 15.52 2.95
CA GLU A 615 22.24 15.70 4.38
C GLU A 615 21.38 16.91 4.74
N ASN A 616 20.75 16.81 5.92
CA ASN A 616 19.78 17.81 6.38
C ASN A 616 20.41 18.98 7.13
N LYS A 617 20.80 18.75 8.38
CA LYS A 617 21.43 19.79 9.18
C LYS A 617 22.84 20.09 8.68
N VAL A 618 23.09 21.35 8.37
CA VAL A 618 24.34 21.76 7.74
C VAL A 618 25.00 22.90 8.50
N THR A 619 26.33 22.89 8.55
CA THR A 619 27.10 23.96 9.19
C THR A 619 28.38 24.27 8.41
N ASP A 620 28.60 25.55 8.13
CA ASP A 620 29.80 25.99 7.45
C ASP A 620 30.89 26.33 8.45
N LEU A 621 32.04 25.68 8.33
CA LEU A 621 33.14 25.90 9.26
C LEU A 621 34.37 26.45 8.55
N GLN B 8 40.62 5.19 6.54
CA GLN B 8 40.77 6.09 7.69
C GLN B 8 42.10 6.85 7.65
N ARG B 9 42.01 8.19 7.64
CA ARG B 9 43.21 9.02 7.51
C ARG B 9 43.24 10.14 8.55
N CYS B 10 44.45 10.58 8.91
CA CYS B 10 44.64 11.65 9.88
C CYS B 10 45.17 12.94 9.24
N VAL B 11 44.35 13.99 9.23
CA VAL B 11 44.74 15.26 8.61
C VAL B 11 44.59 16.45 9.58
N ILE B 12 45.48 17.44 9.43
CA ILE B 12 45.45 18.66 10.25
C ILE B 12 45.36 19.92 9.39
N ILE B 13 44.47 20.84 9.77
CA ILE B 13 44.25 22.07 9.02
C ILE B 13 44.15 23.29 9.94
N GLN B 14 44.82 24.37 9.55
CA GLN B 14 44.76 25.62 10.28
C GLN B 14 43.75 26.58 9.65
N LYS B 15 43.14 27.43 10.48
CA LYS B 15 42.19 28.44 9.99
C LYS B 15 42.84 29.37 8.98
N ASP B 16 42.02 30.04 8.19
CA ASP B 16 42.53 30.97 7.17
C ASP B 16 41.73 32.27 7.20
N GLN B 17 42.04 33.16 6.25
CA GLN B 17 41.34 34.44 6.15
C GLN B 17 39.90 34.24 5.69
N HIS B 18 39.55 32.99 5.36
CA HIS B 18 38.19 32.65 4.97
C HIS B 18 37.70 31.43 5.75
N GLY B 19 38.09 31.35 7.02
CA GLY B 19 37.65 30.26 7.89
C GLY B 19 38.43 28.97 7.68
N PHE B 20 37.90 27.87 8.20
CA PHE B 20 38.51 26.56 8.03
C PHE B 20 38.60 26.20 6.54
N GLY B 21 37.45 26.10 5.89
CA GLY B 21 37.40 25.83 4.46
C GLY B 21 36.63 24.57 4.09
N PHE B 22 35.68 24.18 4.92
CA PHE B 22 34.85 23.00 4.65
C PHE B 22 33.48 23.10 5.31
N THR B 23 32.58 22.18 4.94
CA THR B 23 31.22 22.18 5.49
C THR B 23 30.79 20.83 6.04
N VAL B 24 30.43 20.82 7.33
CA VAL B 24 29.98 19.61 8.02
C VAL B 24 28.47 19.41 7.89
N SER B 25 28.06 18.18 7.60
CA SER B 25 26.65 17.83 7.55
C SER B 25 26.39 16.49 8.21
N GLY B 26 25.14 16.24 8.57
CA GLY B 26 24.76 14.99 9.21
C GLY B 26 24.39 15.17 10.67
N ASP B 27 23.87 14.11 11.26
CA ASP B 27 23.46 14.15 12.66
C ASP B 27 24.09 13.00 13.44
N ARG B 28 23.60 11.80 13.21
CA ARG B 28 24.17 10.61 13.83
C ARG B 28 25.52 10.27 13.19
N ILE B 29 25.57 10.38 11.86
CA ILE B 29 26.78 10.10 11.09
C ILE B 29 27.37 11.37 10.46
N VAL B 30 28.13 12.13 11.25
CA VAL B 30 28.65 13.43 10.81
C VAL B 30 29.74 13.32 9.75
N LEU B 31 29.57 14.07 8.67
CA LEU B 31 30.52 13.94 7.57
C LEU B 31 30.68 15.24 6.77
N VAL B 32 31.44 15.19 5.68
CA VAL B 32 31.77 16.37 4.90
C VAL B 32 30.98 16.46 3.59
N GLN B 33 30.48 17.67 3.28
CA GLN B 33 29.68 17.98 2.09
C GLN B 33 30.47 18.69 0.96
N SER B 34 30.90 19.93 1.23
CA SER B 34 31.72 20.70 0.27
C SER B 34 32.97 21.30 0.90
N VAL B 35 34.03 21.43 0.11
CA VAL B 35 35.24 22.08 0.53
C VAL B 35 35.48 23.27 -0.39
N ARG B 36 35.72 24.45 0.19
CA ARG B 36 36.01 25.65 -0.60
C ARG B 36 37.19 25.37 -1.52
N PRO B 37 37.00 25.58 -2.82
CA PRO B 37 38.01 25.25 -3.84
C PRO B 37 39.29 26.06 -3.70
N GLY B 38 39.33 26.97 -2.74
CA GLY B 38 40.52 27.76 -2.48
C GLY B 38 40.74 27.96 -0.99
N GLY B 39 40.20 27.06 -0.18
CA GLY B 39 40.33 27.16 1.26
C GLY B 39 41.64 26.58 1.77
N ALA B 40 41.59 25.94 2.93
CA ALA B 40 42.78 25.30 3.48
C ALA B 40 42.62 23.79 3.45
N ALA B 41 41.49 23.33 2.92
CA ALA B 41 41.21 21.90 2.85
C ALA B 41 41.37 21.34 1.44
N MET B 42 41.00 22.15 0.44
CA MET B 42 41.11 21.73 -0.95
C MET B 42 42.58 21.66 -1.37
N LYS B 43 43.32 22.71 -1.08
CA LYS B 43 44.73 22.76 -1.38
C LYS B 43 45.53 22.05 -0.29
N VAL B 46 41.66 17.46 1.86
CA VAL B 46 40.40 16.82 2.19
C VAL B 46 39.57 16.61 0.93
N LYS B 47 38.92 15.46 0.84
CA LYS B 47 38.10 15.15 -0.33
C LYS B 47 36.63 15.44 -0.09
N GLU B 48 35.87 15.55 -1.17
CA GLU B 48 34.43 15.71 -1.09
C GLU B 48 33.82 14.36 -0.80
N GLY B 49 33.08 14.26 0.31
CA GLY B 49 32.54 12.99 0.76
C GLY B 49 33.47 12.26 1.72
N ASP B 50 33.65 12.81 2.91
CA ASP B 50 34.49 12.16 3.92
C ASP B 50 33.81 12.09 5.29
N ARG B 51 33.71 10.89 5.85
CA ARG B 51 33.08 10.76 7.16
C ARG B 51 34.06 11.02 8.28
N ILE B 52 33.68 11.92 9.17
CA ILE B 52 34.49 12.21 10.33
C ILE B 52 34.18 11.20 11.43
N ILE B 53 35.18 10.38 11.77
CA ILE B 53 35.02 9.40 12.86
C ILE B 53 35.76 9.82 14.13
N LYS B 54 36.81 10.62 14.00
CA LYS B 54 37.46 11.15 15.21
C LYS B 54 37.75 12.64 15.08
N VAL B 55 37.48 13.39 16.15
CA VAL B 55 37.79 14.83 16.17
C VAL B 55 38.44 15.24 17.46
N ASN B 56 39.63 15.82 17.35
CA ASN B 56 40.28 16.48 18.48
C ASN B 56 40.44 15.57 19.70
N GLY B 57 40.74 14.30 19.46
CA GLY B 57 40.96 13.35 20.53
C GLY B 57 39.73 12.53 20.89
N THR B 58 38.59 13.19 20.98
CA THR B 58 37.33 12.52 21.28
C THR B 58 36.69 11.98 20.00
N MET B 59 36.39 10.68 19.99
CA MET B 59 35.74 10.08 18.84
C MET B 59 34.31 10.59 18.69
N VAL B 60 33.96 10.99 17.48
CA VAL B 60 32.64 11.53 17.18
C VAL B 60 31.71 10.48 16.59
N THR B 61 31.87 9.24 17.03
CA THR B 61 30.99 8.16 16.61
C THR B 61 29.61 8.33 17.22
N ASN B 62 29.58 8.74 18.49
CA ASN B 62 28.33 8.92 19.22
C ASN B 62 28.03 10.39 19.47
N SER B 63 28.72 11.27 18.75
CA SER B 63 28.53 12.70 18.93
C SER B 63 27.36 13.22 18.10
N SER B 64 26.73 14.28 18.59
CA SER B 64 25.68 14.97 17.85
C SER B 64 26.32 15.92 16.87
N HIS B 65 25.49 16.51 15.99
CA HIS B 65 25.99 17.50 15.04
C HIS B 65 26.54 18.69 15.82
N LEU B 66 25.77 19.15 16.79
CA LEU B 66 26.16 20.25 17.65
C LEU B 66 27.48 19.94 18.38
N GLU B 67 27.64 18.68 18.78
CA GLU B 67 28.85 18.26 19.48
C GLU B 67 30.07 18.27 18.56
N VAL B 68 29.92 17.77 17.34
CA VAL B 68 31.02 17.76 16.39
C VAL B 68 31.41 19.18 16.00
N VAL B 69 30.41 19.99 15.68
CA VAL B 69 30.63 21.39 15.35
C VAL B 69 31.35 22.10 16.49
N LYS B 70 30.88 21.88 17.72
CA LYS B 70 31.51 22.45 18.92
C LYS B 70 32.97 22.01 19.06
N LEU B 71 33.22 20.71 18.93
CA LEU B 71 34.57 20.16 19.03
C LEU B 71 35.52 20.78 18.02
N ILE B 72 35.10 20.81 16.76
CA ILE B 72 35.93 21.37 15.70
C ILE B 72 36.14 22.88 15.92
N LYS B 73 35.12 23.56 16.43
CA LYS B 73 35.18 25.02 16.59
C LYS B 73 35.78 25.49 17.92
N SER B 74 35.76 24.64 18.95
CA SER B 74 36.28 25.02 20.27
C SER B 74 37.81 24.93 20.32
N GLY B 75 38.48 25.62 19.40
CA GLY B 75 39.92 25.62 19.35
C GLY B 75 40.42 26.33 18.12
N ALA B 76 41.66 26.84 18.20
CA ALA B 76 42.27 27.56 17.09
C ALA B 76 42.37 26.67 15.85
N TYR B 77 43.15 25.60 15.95
CA TYR B 77 43.28 24.65 14.86
C TYR B 77 42.67 23.31 15.24
N VAL B 78 42.07 22.63 14.27
CA VAL B 78 41.48 21.32 14.50
C VAL B 78 42.29 20.25 13.77
N ALA B 79 42.37 19.06 14.37
CA ALA B 79 43.05 17.93 13.75
C ALA B 79 42.14 16.69 13.82
N LEU B 80 41.77 16.17 12.66
CA LEU B 80 40.76 15.11 12.65
C LEU B 80 41.08 13.86 11.83
N THR B 81 40.30 12.82 12.10
CA THR B 81 40.48 11.51 11.49
C THR B 81 39.24 11.12 10.71
N LEU B 82 39.38 11.18 9.39
CA LEU B 82 38.33 10.90 8.42
C LEU B 82 38.35 9.44 7.98
N LEU B 83 37.41 9.10 7.11
CA LEU B 83 37.28 7.75 6.59
C LEU B 83 36.91 7.80 5.11
N GLY B 84 37.90 7.58 4.24
CA GLY B 84 37.69 7.62 2.81
C GLY B 84 37.98 6.30 2.12
#